data_4R8T
#
_entry.id   4R8T
#
_cell.length_a   88.260
_cell.length_b   88.260
_cell.length_c   36.220
_cell.angle_alpha   90.00
_cell.angle_beta   90.00
_cell.angle_gamma   120.00
#
_symmetry.space_group_name_H-M   'P 62'
#
loop_
_entity.id
_entity.type
_entity.pdbx_description
1 polymer 'Serine protease subunit NS2B'
2 polymer NS3
3 non-polymer 'CHLORIDE ION'
4 water water
#
loop_
_entity_poly.entity_id
_entity_poly.type
_entity_poly.pdbx_seq_one_letter_code
_entity_poly.pdbx_strand_id
1 'polypeptide(L)' SEFDMWLERAADITWEMDAAI A
2 'polypeptide(L)'
;TTTGVYRIMARGILGTYQAGVGVMYENVFHTLWHTTRGAAIMSGEGKLTPYWGSVKEDRIAYGGPWRFDRKWNGTDDVQV
IVVEPGKAAVNIQTKPGVFKTPLGEVGAVSLDYPRGTSGSPILDSNGDIIGLYGNGVELGD
;
B
#
loop_
_chem_comp.id
_chem_comp.type
_chem_comp.name
_chem_comp.formula
CL non-polymer 'CHLORIDE ION' 'Cl -1'
#
# COMPACT_ATOMS: atom_id res chain seq x y z
N SER A 1 -11.59 -25.13 -10.71
CA SER A 1 -11.97 -23.84 -11.27
C SER A 1 -10.73 -22.92 -11.39
N GLU A 2 -10.98 -21.62 -11.52
CA GLU A 2 -9.91 -20.64 -11.74
C GLU A 2 -9.74 -19.68 -10.57
N PHE A 3 -8.49 -19.49 -10.14
CA PHE A 3 -8.16 -18.40 -9.23
C PHE A 3 -7.16 -17.46 -9.91
N ASP A 4 -7.53 -16.19 -10.01
CA ASP A 4 -6.71 -15.18 -10.66
C ASP A 4 -6.61 -13.93 -9.79
N MET A 5 -5.50 -13.24 -9.90
CA MET A 5 -5.32 -11.93 -9.28
C MET A 5 -4.82 -10.96 -10.34
N TRP A 6 -5.30 -9.71 -10.27
CA TRP A 6 -4.92 -8.70 -11.25
C TRP A 6 -4.99 -7.30 -10.64
N LEU A 7 -4.36 -6.34 -11.31
CA LEU A 7 -4.30 -4.97 -10.81
C LEU A 7 -5.29 -4.06 -11.52
N GLU A 8 -5.88 -3.15 -10.75
CA GLU A 8 -6.84 -2.17 -11.26
C GLU A 8 -6.50 -0.81 -10.69
N ARG A 9 -6.11 0.13 -11.54
CA ARG A 9 -5.70 1.45 -11.11
C ARG A 9 -6.83 2.19 -10.39
N ALA A 10 -6.52 2.71 -9.21
CA ALA A 10 -7.52 3.39 -8.37
C ALA A 10 -7.21 4.87 -8.17
N ALA A 11 -5.92 5.25 -8.25
CA ALA A 11 -5.55 6.65 -8.01
C ALA A 11 -4.11 6.96 -8.37
N ASP A 12 -3.84 8.24 -8.62
CA ASP A 12 -2.47 8.73 -8.73
C ASP A 12 -1.85 8.83 -7.34
N ILE A 13 -0.53 8.72 -7.25
CA ILE A 13 0.19 8.99 -6.02
C ILE A 13 0.35 10.49 -5.88
N THR A 14 -0.44 11.10 -5.00
CA THR A 14 -0.35 12.53 -4.80
C THR A 14 -0.91 12.99 -3.46
N TRP A 15 -0.32 14.06 -2.95
CA TRP A 15 -0.85 14.80 -1.81
C TRP A 15 -2.00 15.68 -2.32
N GLU A 16 -3.03 15.86 -1.50
CA GLU A 16 -4.16 16.72 -1.88
C GLU A 16 -4.39 17.79 -0.83
N MET A 17 -4.37 19.03 -1.27
CA MET A 17 -4.54 20.17 -0.37
C MET A 17 -5.94 20.17 0.24
N ASP A 18 -6.94 19.82 -0.56
CA ASP A 18 -8.34 19.84 -0.11
C ASP A 18 -8.57 18.85 1.03
N ALA A 19 -7.80 17.77 1.04
CA ALA A 19 -7.91 16.76 2.09
C ALA A 19 -7.55 17.37 3.45
N ALA A 20 -6.63 18.34 3.42
CA ALA A 20 -6.25 19.06 4.64
C ALA A 20 -7.37 20.00 5.08
N ILE A 21 -7.95 20.70 4.11
CA ILE A 21 -9.03 21.65 4.37
C ILE A 21 -10.29 20.92 4.84
N THR B 1 2.62 7.60 -15.98
CA THR B 1 3.18 6.27 -16.19
C THR B 1 2.32 5.19 -15.54
N THR B 2 2.86 3.96 -15.52
CA THR B 2 2.24 2.86 -14.78
C THR B 2 2.27 3.15 -13.28
N THR B 3 3.06 4.15 -12.90
CA THR B 3 3.12 4.61 -11.51
C THR B 3 1.74 5.04 -11.02
N GLY B 4 1.36 4.53 -9.87
CA GLY B 4 0.06 4.83 -9.29
C GLY B 4 -0.36 3.86 -8.22
N VAL B 5 -1.59 4.03 -7.73
CA VAL B 5 -2.16 3.16 -6.71
C VAL B 5 -3.15 2.20 -7.37
N TYR B 6 -3.02 0.91 -7.04
CA TYR B 6 -3.81 -0.13 -7.69
C TYR B 6 -4.57 -1.00 -6.70
N ARG B 7 -5.81 -1.33 -7.03
CA ARG B 7 -6.52 -2.36 -6.31
C ARG B 7 -5.97 -3.72 -6.74
N ILE B 8 -5.69 -4.57 -5.77
CA ILE B 8 -5.34 -5.96 -6.07
C ILE B 8 -6.62 -6.77 -6.02
N MET B 9 -7.18 -7.03 -7.20
CA MET B 9 -8.43 -7.76 -7.33
C MET B 9 -8.17 -9.26 -7.45
N ALA B 10 -9.11 -10.05 -6.94
CA ALA B 10 -9.02 -11.50 -7.04
C ALA B 10 -10.38 -12.07 -7.41
N ARG B 11 -10.36 -13.22 -8.06
CA ARG B 11 -11.59 -13.90 -8.45
C ARG B 11 -11.42 -15.41 -8.30
N GLY B 12 -12.43 -16.06 -7.74
CA GLY B 12 -12.41 -17.49 -7.55
C GLY B 12 -13.77 -18.02 -7.13
N ILE B 13 -13.77 -19.06 -6.29
CA ILE B 13 -15.00 -19.65 -5.78
C ILE B 13 -15.84 -18.60 -5.04
N LEU B 14 -15.17 -17.64 -4.43
CA LEU B 14 -15.84 -16.60 -3.64
C LEU B 14 -16.26 -15.41 -4.50
N GLY B 15 -16.32 -15.61 -5.82
CA GLY B 15 -16.62 -14.54 -6.74
C GLY B 15 -15.46 -13.57 -6.84
N THR B 16 -15.75 -12.32 -7.21
CA THR B 16 -14.73 -11.29 -7.33
C THR B 16 -14.68 -10.43 -6.07
N TYR B 17 -13.47 -10.16 -5.57
CA TYR B 17 -13.30 -9.33 -4.39
C TYR B 17 -11.95 -8.61 -4.43
N GLN B 18 -11.81 -7.58 -3.60
CA GLN B 18 -10.57 -6.84 -3.49
C GLN B 18 -9.70 -7.45 -2.40
N ALA B 19 -8.60 -8.07 -2.81
CA ALA B 19 -7.70 -8.73 -1.87
C ALA B 19 -6.87 -7.72 -1.08
N GLY B 20 -6.56 -6.59 -1.72
CA GLY B 20 -5.77 -5.56 -1.08
C GLY B 20 -5.44 -4.42 -2.02
N VAL B 21 -4.47 -3.61 -1.61
CA VAL B 21 -4.03 -2.46 -2.38
C VAL B 21 -2.51 -2.49 -2.51
N GLY B 22 -1.99 -1.93 -3.58
CA GLY B 22 -0.55 -1.84 -3.76
C GLY B 22 -0.17 -0.61 -4.56
N VAL B 23 1.13 -0.35 -4.64
CA VAL B 23 1.64 0.82 -5.34
C VAL B 23 2.71 0.46 -6.35
N MET B 24 2.49 0.87 -7.59
CA MET B 24 3.51 0.80 -8.62
C MET B 24 4.37 2.07 -8.53
N TYR B 25 5.67 1.88 -8.35
CA TYR B 25 6.60 3.00 -8.21
C TYR B 25 7.98 2.59 -8.68
N GLU B 26 8.54 3.34 -9.61
CA GLU B 26 9.83 3.02 -10.22
C GLU B 26 9.87 1.57 -10.72
N ASN B 27 8.83 1.20 -11.47
CA ASN B 27 8.75 -0.12 -12.11
C ASN B 27 8.73 -1.28 -11.13
N VAL B 28 8.30 -1.01 -9.90
CA VAL B 28 8.13 -2.06 -8.89
C VAL B 28 6.76 -1.93 -8.24
N PHE B 29 6.04 -3.04 -8.15
CA PHE B 29 4.75 -3.06 -7.48
C PHE B 29 4.93 -3.49 -6.03
N HIS B 30 4.55 -2.60 -5.12
CA HIS B 30 4.68 -2.82 -3.69
C HIS B 30 3.34 -3.11 -3.04
N THR B 31 3.30 -4.12 -2.17
CA THR B 31 2.13 -4.36 -1.34
C THR B 31 2.54 -5.08 -0.06
N LEU B 32 1.55 -5.57 0.67
CA LEU B 32 1.81 -6.33 1.89
C LEU B 32 1.77 -7.82 1.57
N TRP B 33 2.64 -8.58 2.22
CA TRP B 33 2.83 -9.98 1.87
C TRP B 33 1.54 -10.80 2.03
N HIS B 34 0.82 -10.58 3.12
CA HIS B 34 -0.35 -11.39 3.42
C HIS B 34 -1.46 -11.19 2.38
N THR B 35 -1.38 -10.11 1.63
CA THR B 35 -2.38 -9.80 0.60
C THR B 35 -2.35 -10.81 -0.55
N THR B 36 -1.14 -11.21 -0.94
CA THR B 36 -0.95 -12.07 -2.11
C THR B 36 -0.24 -13.37 -1.74
N ARG B 37 0.50 -13.33 -0.63
CA ARG B 37 1.24 -14.48 -0.12
C ARG B 37 2.25 -15.01 -1.14
N GLY B 38 2.63 -14.15 -2.09
CA GLY B 38 3.65 -14.48 -3.06
C GLY B 38 3.11 -15.06 -4.36
N ALA B 39 1.80 -14.95 -4.56
CA ALA B 39 1.18 -15.44 -5.78
C ALA B 39 1.53 -14.52 -6.95
N ALA B 40 1.39 -15.04 -8.16
CA ALA B 40 1.55 -14.22 -9.35
C ALA B 40 0.37 -13.28 -9.51
N ILE B 41 0.63 -12.12 -10.11
CA ILE B 41 -0.41 -11.12 -10.37
C ILE B 41 -0.34 -10.68 -11.81
N MET B 42 -1.49 -10.64 -12.48
CA MET B 42 -1.56 -10.18 -13.87
C MET B 42 -1.55 -8.67 -13.95
N SER B 43 -0.97 -8.14 -15.03
CA SER B 43 -0.96 -6.72 -15.31
C SER B 43 -1.24 -6.46 -16.78
N GLY B 44 -2.34 -7.01 -17.27
CA GLY B 44 -2.70 -6.88 -18.67
C GLY B 44 -1.85 -7.79 -19.55
N GLU B 45 -2.20 -9.08 -19.58
CA GLU B 45 -1.48 -10.08 -20.35
C GLU B 45 0.02 -10.07 -20.00
N GLY B 46 0.32 -9.66 -18.78
CA GLY B 46 1.70 -9.62 -18.29
C GLY B 46 1.75 -9.90 -16.80
N LYS B 47 2.28 -11.07 -16.44
CA LYS B 47 2.30 -11.50 -15.05
C LYS B 47 3.51 -11.02 -14.30
N LEU B 48 3.29 -10.58 -13.07
CA LEU B 48 4.35 -10.19 -12.16
C LEU B 48 4.55 -11.28 -11.10
N THR B 49 5.80 -11.55 -10.77
CA THR B 49 6.13 -12.49 -9.69
C THR B 49 7.01 -11.79 -8.66
N PRO B 50 6.99 -12.27 -7.41
CA PRO B 50 7.78 -11.63 -6.35
C PRO B 50 9.28 -11.57 -6.67
N TYR B 51 9.87 -10.40 -6.43
CA TYR B 51 11.31 -10.20 -6.57
C TYR B 51 11.96 -10.27 -5.19
N TRP B 52 11.30 -9.65 -4.21
CA TRP B 52 11.75 -9.67 -2.82
C TRP B 52 10.54 -9.72 -1.90
N GLY B 53 10.67 -10.43 -0.79
CA GLY B 53 9.59 -10.53 0.16
C GLY B 53 10.03 -10.91 1.55
N SER B 54 9.27 -10.45 2.53
CA SER B 54 9.49 -10.81 3.93
C SER B 54 8.16 -11.09 4.62
N VAL B 55 7.98 -12.31 5.08
CA VAL B 55 6.77 -12.69 5.79
C VAL B 55 6.66 -11.97 7.14
N LYS B 56 7.77 -11.89 7.85
CA LYS B 56 7.76 -11.30 9.18
C LYS B 56 7.49 -9.80 9.10
N GLU B 57 8.08 -9.14 8.10
CA GLU B 57 7.84 -7.72 7.87
C GLU B 57 6.51 -7.48 7.16
N ASP B 58 5.95 -8.55 6.58
CA ASP B 58 4.70 -8.49 5.84
C ASP B 58 4.78 -7.48 4.69
N ARG B 59 5.89 -7.52 3.96
CA ARG B 59 6.07 -6.67 2.79
C ARG B 59 6.59 -7.50 1.63
N ILE B 60 6.20 -7.10 0.42
CA ILE B 60 6.57 -7.83 -0.79
C ILE B 60 6.65 -6.88 -1.98
N ALA B 61 7.61 -7.14 -2.87
CA ALA B 61 7.84 -6.29 -4.03
C ALA B 61 7.92 -7.13 -5.29
N TYR B 62 7.18 -6.72 -6.31
CA TYR B 62 7.16 -7.40 -7.61
C TYR B 62 7.94 -6.61 -8.65
N GLY B 63 8.90 -7.27 -9.30
CA GLY B 63 9.61 -6.68 -10.42
C GLY B 63 10.93 -6.01 -10.05
N GLY B 64 11.20 -5.91 -8.76
CA GLY B 64 12.41 -5.29 -8.27
C GLY B 64 12.35 -5.17 -6.76
N PRO B 65 13.38 -4.55 -6.16
CA PRO B 65 13.42 -4.39 -4.70
C PRO B 65 12.46 -3.32 -4.20
N TRP B 66 12.18 -3.35 -2.90
CA TRP B 66 11.41 -2.29 -2.24
C TRP B 66 12.08 -0.95 -2.51
N ARG B 67 11.33 -0.01 -3.07
CA ARG B 67 11.89 1.24 -3.58
C ARG B 67 11.76 2.39 -2.56
N PHE B 68 10.78 2.30 -1.67
CA PHE B 68 10.52 3.35 -0.70
C PHE B 68 11.58 3.33 0.41
N ASP B 69 12.13 4.49 0.73
CA ASP B 69 13.19 4.59 1.73
C ASP B 69 13.01 5.78 2.68
N ARG B 70 12.00 6.60 2.45
CA ARG B 70 11.75 7.76 3.31
C ARG B 70 11.01 7.35 4.57
N LYS B 71 11.23 8.11 5.64
CA LYS B 71 10.63 7.83 6.94
C LYS B 71 9.84 9.03 7.46
N TRP B 72 8.92 8.77 8.38
CA TRP B 72 8.15 9.81 9.04
C TRP B 72 9.01 10.54 10.07
N ASN B 73 8.88 11.86 10.14
CA ASN B 73 9.69 12.64 11.09
C ASN B 73 9.07 12.63 12.50
N GLY B 74 7.87 12.08 12.62
CA GLY B 74 7.24 11.92 13.92
C GLY B 74 6.51 13.17 14.40
N THR B 75 6.36 14.16 13.53
CA THR B 75 5.76 15.43 13.89
C THR B 75 4.57 15.78 12.99
N ASP B 76 4.81 15.80 11.68
CA ASP B 76 3.84 16.32 10.73
C ASP B 76 2.74 15.32 10.39
N ASP B 77 1.58 15.84 9.98
CA ASP B 77 0.51 15.01 9.49
C ASP B 77 0.95 14.29 8.22
N VAL B 78 0.32 13.16 7.95
CA VAL B 78 0.53 12.42 6.71
C VAL B 78 -0.81 12.27 6.02
N GLN B 79 -0.78 11.85 4.76
CA GLN B 79 -2.01 11.53 4.05
C GLN B 79 -1.99 10.09 3.58
N VAL B 80 -3.11 9.41 3.78
CA VAL B 80 -3.28 8.06 3.28
C VAL B 80 -4.19 8.10 2.06
N ILE B 81 -3.72 7.56 0.95
CA ILE B 81 -4.56 7.39 -0.24
C ILE B 81 -5.38 6.14 -0.02
N VAL B 82 -6.51 6.29 0.65
CA VAL B 82 -7.34 5.16 1.05
C VAL B 82 -8.11 4.59 -0.14
N VAL B 83 -7.86 3.31 -0.43
CA VAL B 83 -8.53 2.62 -1.52
C VAL B 83 -9.37 1.49 -0.93
N GLU B 84 -10.55 1.86 -0.42
CA GLU B 84 -11.50 0.91 0.15
C GLU B 84 -12.16 0.05 -0.92
N PRO B 85 -12.47 -1.22 -0.59
CA PRO B 85 -13.27 -2.01 -1.52
C PRO B 85 -14.65 -1.38 -1.77
N GLY B 86 -15.02 -1.22 -3.04
CA GLY B 86 -16.35 -0.75 -3.40
C GLY B 86 -16.56 0.75 -3.23
N LYS B 87 -15.47 1.49 -3.08
CA LYS B 87 -15.55 2.94 -2.97
C LYS B 87 -14.39 3.59 -3.70
N ALA B 88 -14.63 4.78 -4.24
CA ALA B 88 -13.61 5.54 -4.92
C ALA B 88 -12.46 5.85 -3.97
N ALA B 89 -11.25 5.96 -4.50
CA ALA B 89 -10.10 6.35 -3.71
C ALA B 89 -10.32 7.73 -3.10
N VAL B 90 -9.75 7.95 -1.92
CA VAL B 90 -9.79 9.26 -1.28
C VAL B 90 -8.50 9.50 -0.51
N ASN B 91 -8.12 10.78 -0.39
CA ASN B 91 -7.01 11.16 0.47
C ASN B 91 -7.52 11.54 1.85
N ILE B 92 -6.94 10.92 2.88
CA ILE B 92 -7.28 11.22 4.27
C ILE B 92 -6.04 11.70 5.00
N GLN B 93 -6.10 12.92 5.53
CA GLN B 93 -4.98 13.46 6.29
C GLN B 93 -5.13 13.09 7.76
N THR B 94 -4.06 12.57 8.34
CA THR B 94 -4.09 12.10 9.71
C THR B 94 -2.71 12.15 10.36
N LYS B 95 -2.68 12.09 11.68
CA LYS B 95 -1.46 12.10 12.45
C LYS B 95 -1.18 10.71 13.04
N PRO B 96 -0.11 10.05 12.57
CA PRO B 96 0.19 8.72 13.11
C PRO B 96 0.54 8.75 14.61
N GLY B 97 0.27 7.67 15.31
CA GLY B 97 0.62 7.55 16.72
C GLY B 97 1.94 6.84 16.89
N VAL B 98 2.87 7.47 17.61
CA VAL B 98 4.19 6.89 17.84
C VAL B 98 4.11 5.75 18.85
N PHE B 99 4.75 4.64 18.52
CA PHE B 99 4.75 3.45 19.37
C PHE B 99 6.14 2.83 19.42
N LYS B 100 6.56 2.42 20.62
CA LYS B 100 7.88 1.83 20.82
C LYS B 100 7.83 0.31 20.72
N THR B 101 8.80 -0.26 20.00
CA THR B 101 8.93 -1.70 19.86
C THR B 101 10.38 -2.10 20.12
N PRO B 102 10.63 -3.40 20.29
CA PRO B 102 12.01 -3.87 20.51
C PRO B 102 12.87 -3.71 19.26
N LEU B 103 12.23 -3.51 18.11
CA LEU B 103 12.93 -3.39 16.83
C LEU B 103 13.18 -1.93 16.47
N GLY B 104 12.43 -1.03 17.11
CA GLY B 104 12.57 0.39 16.84
C GLY B 104 11.27 1.13 17.06
N GLU B 105 11.33 2.46 16.99
CA GLU B 105 10.15 3.29 17.16
C GLU B 105 9.33 3.28 15.87
N VAL B 106 8.01 3.17 16.02
CA VAL B 106 7.11 2.95 14.88
C VAL B 106 5.89 3.85 14.95
N GLY B 107 5.38 4.22 13.77
CA GLY B 107 4.15 4.98 13.65
C GLY B 107 3.06 4.13 13.00
N ALA B 108 1.83 4.31 13.45
CA ALA B 108 0.70 3.55 12.90
C ALA B 108 -0.52 4.45 12.70
N VAL B 109 -1.30 4.15 11.67
CA VAL B 109 -2.49 4.92 11.34
C VAL B 109 -3.67 4.46 12.20
N SER B 110 -4.31 5.41 12.89
CA SER B 110 -5.38 5.08 13.83
C SER B 110 -6.70 4.75 13.12
N LEU B 111 -6.78 5.09 11.85
CA LEU B 111 -7.99 4.86 11.06
C LEU B 111 -8.30 3.37 10.89
N ASP B 112 -9.59 3.05 10.89
CA ASP B 112 -10.05 1.68 10.71
C ASP B 112 -10.83 1.54 9.40
N TYR B 113 -10.38 0.62 8.55
CA TYR B 113 -11.03 0.35 7.27
C TYR B 113 -11.16 -1.15 7.05
N PRO B 114 -12.07 -1.56 6.16
CA PRO B 114 -12.25 -2.99 5.88
C PRO B 114 -10.98 -3.69 5.41
N ARG B 115 -10.97 -5.03 5.54
CA ARG B 115 -9.83 -5.88 5.22
C ARG B 115 -9.03 -5.47 3.97
N GLY B 116 -9.71 -5.42 2.83
CA GLY B 116 -9.04 -5.21 1.55
C GLY B 116 -8.50 -3.82 1.31
N THR B 117 -8.48 -2.98 2.34
CA THR B 117 -7.92 -1.63 2.24
C THR B 117 -6.42 -1.64 2.53
N SER B 118 -5.96 -2.71 3.17
CA SER B 118 -4.55 -2.85 3.52
C SER B 118 -3.66 -2.74 2.29
N GLY B 119 -2.62 -1.91 2.41
CA GLY B 119 -1.72 -1.64 1.30
C GLY B 119 -1.88 -0.23 0.76
N SER B 120 -2.92 0.47 1.22
CA SER B 120 -3.13 1.86 0.83
C SER B 120 -1.93 2.70 1.26
N PRO B 121 -1.31 3.44 0.33
CA PRO B 121 -0.05 4.12 0.67
C PRO B 121 -0.19 5.30 1.61
N ILE B 122 0.85 5.52 2.41
CA ILE B 122 0.95 6.66 3.32
C ILE B 122 2.01 7.62 2.79
N LEU B 123 1.61 8.87 2.57
CA LEU B 123 2.49 9.89 1.99
C LEU B 123 2.87 10.95 3.00
N ASP B 124 4.08 11.49 2.89
CA ASP B 124 4.46 12.70 3.62
C ASP B 124 4.14 13.92 2.76
N SER B 125 4.37 15.11 3.31
CA SER B 125 4.01 16.35 2.64
C SER B 125 4.76 16.55 1.32
N ASN B 126 5.91 15.88 1.18
CA ASN B 126 6.70 15.96 -0.05
C ASN B 126 6.17 15.03 -1.14
N GLY B 127 5.19 14.21 -0.79
CA GLY B 127 4.62 13.26 -1.73
C GLY B 127 5.36 11.94 -1.75
N ASP B 128 6.33 11.78 -0.86
CA ASP B 128 7.08 10.54 -0.75
C ASP B 128 6.32 9.53 0.10
N ILE B 129 6.27 8.29 -0.36
CA ILE B 129 5.60 7.22 0.37
C ILE B 129 6.48 6.74 1.51
N ILE B 130 5.93 6.76 2.72
CA ILE B 130 6.68 6.43 3.93
C ILE B 130 6.19 5.13 4.56
N GLY B 131 5.24 4.47 3.91
CA GLY B 131 4.72 3.21 4.39
C GLY B 131 3.38 2.86 3.76
N LEU B 132 2.90 1.66 4.03
CA LEU B 132 1.59 1.22 3.55
C LEU B 132 0.65 0.98 4.72
N TYR B 133 -0.60 1.38 4.54
CA TYR B 133 -1.62 1.22 5.57
C TYR B 133 -1.78 -0.26 5.93
N GLY B 134 -1.80 -0.53 7.23
CA GLY B 134 -1.86 -1.89 7.74
C GLY B 134 -0.49 -2.43 8.07
N ASN B 135 0.54 -1.64 7.76
CA ASN B 135 1.92 -2.02 8.02
C ASN B 135 2.65 -0.95 8.82
N GLY B 136 2.21 0.30 8.67
CA GLY B 136 2.75 1.40 9.46
C GLY B 136 3.92 2.12 8.80
N VAL B 137 4.59 2.95 9.60
CA VAL B 137 5.73 3.73 9.12
C VAL B 137 6.87 3.68 10.12
N GLU B 138 8.08 3.99 9.66
CA GLU B 138 9.25 4.08 10.52
C GLU B 138 9.56 5.53 10.87
N LEU B 139 10.22 5.73 12.01
CA LEU B 139 10.63 7.06 12.45
C LEU B 139 12.06 7.36 11.99
N GLY B 140 12.29 8.60 11.57
CA GLY B 140 13.62 9.01 11.15
C GLY B 140 13.60 10.30 10.34
N ASP B 141 14.72 11.01 10.36
CA ASP B 141 14.87 12.24 9.58
C ASP B 141 15.78 12.01 8.38
CL CL C . -0.80 1.61 9.45
#